data_5DCP
#
_entry.id   5DCP
#
_cell.length_a   80.620
_cell.length_b   80.620
_cell.length_c   118.016
_cell.angle_alpha   90.000
_cell.angle_beta   90.000
_cell.angle_gamma   120.000
#
_symmetry.space_group_name_H-M   'P 3 2 1'
#
loop_
_entity.id
_entity.type
_entity.pdbx_description
1 polymer Filamin-B
2 water water
#
_entity_poly.entity_id   1
_entity_poly.type   'polypeptide(L)'
_entity_poly.pdbx_seq_one_letter_code
;SMMNGLGFKPFDLVIPFAVRKGEITGEVHMPSGKTATPEIVDNKDGTVTVRYAPTEVGLHEMHIKYMGSHIPESPLQFYV
NYPNSGSVSAYGPGLVYGVANKTATFTIVTEDAGEGGLDLAIEGPSKAEISCIDNKDGTCTVTYLPTLPGDYSILVKYND
KHIPGSPFTAKITDD
;
_entity_poly.pdbx_strand_id   A,B
#
# COMPACT_ATOMS: atom_id res chain seq x y z
N PHE A 8 -8.51 -8.82 -10.31
CA PHE A 8 -8.65 -7.67 -9.34
C PHE A 8 -10.10 -7.21 -9.18
N LYS A 9 -10.57 -7.06 -7.95
CA LYS A 9 -11.97 -6.69 -7.74
C LYS A 9 -12.22 -5.25 -8.24
N PRO A 10 -13.19 -5.04 -9.13
CA PRO A 10 -13.39 -3.68 -9.61
C PRO A 10 -13.90 -2.77 -8.53
N PHE A 11 -13.55 -1.47 -8.64
CA PHE A 11 -14.08 -0.41 -7.77
C PHE A 11 -15.38 -0.03 -8.45
N ASP A 12 -16.48 -0.03 -7.69
CA ASP A 12 -17.79 0.42 -8.16
C ASP A 12 -18.51 1.18 -7.05
N LEU A 13 -18.86 2.44 -7.31
CA LEU A 13 -19.41 3.28 -6.26
C LEU A 13 -20.42 4.26 -6.83
N VAL A 14 -21.54 4.38 -6.12
CA VAL A 14 -22.51 5.43 -6.36
C VAL A 14 -22.24 6.56 -5.38
N ILE A 15 -22.12 7.78 -5.90
CA ILE A 15 -21.98 8.99 -5.11
C ILE A 15 -23.19 9.87 -5.45
N PRO A 16 -23.85 10.43 -4.44
CA PRO A 16 -24.90 11.38 -4.63
C PRO A 16 -24.34 12.79 -4.83
N PHE A 17 -24.03 13.04 -6.10
CA PHE A 17 -23.61 14.34 -6.56
C PHE A 17 -24.43 14.60 -7.83
N ALA A 18 -25.05 15.77 -7.89
CA ALA A 18 -25.90 16.13 -9.01
C ALA A 18 -25.14 17.03 -9.97
N VAL A 19 -24.74 16.42 -11.09
CA VAL A 19 -24.10 17.08 -12.19
C VAL A 19 -25.08 17.98 -12.91
N ARG A 20 -24.69 19.23 -13.15
CA ARG A 20 -25.56 20.19 -13.85
C ARG A 20 -24.86 20.67 -15.12
N LYS A 21 -24.43 21.92 -15.19
CA LYS A 21 -23.83 22.44 -16.41
C LYS A 21 -22.37 22.04 -16.54
N GLY A 22 -21.70 21.72 -15.41
CA GLY A 22 -20.28 21.40 -15.40
C GLY A 22 -19.94 19.93 -15.65
N GLU A 23 -18.69 19.70 -16.02
CA GLU A 23 -18.15 18.37 -16.24
C GLU A 23 -17.49 17.71 -14.98
N ILE A 24 -17.88 16.49 -14.71
CA ILE A 24 -17.35 15.68 -13.59
C ILE A 24 -16.17 14.87 -14.19
N THR A 25 -15.03 14.93 -13.54
CA THR A 25 -13.83 14.21 -14.00
C THR A 25 -13.22 13.47 -12.83
N GLY A 26 -12.28 12.61 -13.11
CA GLY A 26 -11.69 11.78 -12.07
C GLY A 26 -10.25 11.31 -12.35
N GLU A 27 -9.57 10.92 -11.29
CA GLU A 27 -8.22 10.44 -11.40
C GLU A 27 -7.98 9.44 -10.29
N VAL A 28 -7.45 8.30 -10.67
CA VAL A 28 -6.98 7.32 -9.70
C VAL A 28 -5.49 7.33 -9.66
N HIS A 29 -4.96 7.41 -8.48
CA HIS A 29 -3.53 7.26 -8.29
C HIS A 29 -3.22 5.89 -7.72
N MET A 30 -2.30 5.19 -8.40
CA MET A 30 -1.86 3.84 -8.05
C MET A 30 -0.62 3.88 -7.16
N PRO A 31 -0.31 2.77 -6.48
CA PRO A 31 0.87 2.74 -5.59
C PRO A 31 2.22 2.98 -6.30
N SER A 32 2.35 2.51 -7.53
CA SER A 32 3.54 2.79 -8.34
C SER A 32 3.81 4.29 -8.64
N GLY A 33 2.77 5.15 -8.60
CA GLY A 33 2.86 6.52 -9.18
C GLY A 33 2.05 6.69 -10.47
N LYS A 34 1.53 5.61 -11.03
CA LYS A 34 0.79 5.75 -12.26
C LYS A 34 -0.57 6.30 -11.93
N THR A 35 -1.10 7.13 -12.83
CA THR A 35 -2.44 7.65 -12.76
C THR A 35 -3.25 6.99 -13.84
N ALA A 36 -4.55 6.78 -13.61
CA ALA A 36 -5.51 6.44 -14.69
C ALA A 36 -6.87 7.12 -14.44
N THR A 37 -7.75 7.09 -15.44
CA THR A 37 -9.02 7.79 -15.38
C THR A 37 -10.06 6.73 -15.08
N PRO A 38 -10.81 6.89 -13.98
CA PRO A 38 -11.93 6.02 -13.76
C PRO A 38 -13.03 6.31 -14.77
N GLU A 39 -14.01 5.41 -14.83
CA GLU A 39 -15.17 5.65 -15.64
C GLU A 39 -16.16 6.35 -14.74
N ILE A 40 -16.72 7.44 -15.23
CA ILE A 40 -17.76 8.14 -14.48
C ILE A 40 -19.01 8.24 -15.33
N VAL A 41 -20.13 7.81 -14.75
CA VAL A 41 -21.43 7.82 -15.42
C VAL A 41 -22.41 8.68 -14.65
N ASP A 42 -22.94 9.71 -15.31
CA ASP A 42 -24.02 10.50 -14.76
C ASP A 42 -25.33 9.68 -14.89
N ASN A 43 -25.91 9.28 -13.76
CA ASN A 43 -27.25 8.71 -13.76
C ASN A 43 -28.14 9.90 -13.66
N LYS A 44 -28.64 10.41 -14.79
CA LYS A 44 -29.38 11.68 -14.78
C LYS A 44 -30.60 11.52 -13.84
N ASP A 45 -30.52 12.18 -12.69
CA ASP A 45 -31.00 11.66 -11.40
C ASP A 45 -29.96 12.29 -10.41
N GLY A 46 -30.16 12.25 -9.10
CA GLY A 46 -29.25 13.04 -8.20
C GLY A 46 -27.84 12.51 -7.92
N THR A 47 -27.34 11.63 -8.77
CA THR A 47 -26.16 10.80 -8.48
C THR A 47 -25.29 10.53 -9.70
N VAL A 48 -24.13 9.95 -9.44
CA VAL A 48 -23.19 9.47 -10.48
C VAL A 48 -22.61 8.14 -10.02
N THR A 49 -22.10 7.37 -10.97
CA THR A 49 -21.46 6.11 -10.62
C THR A 49 -20.03 6.09 -11.12
N VAL A 50 -19.11 5.70 -10.26
CA VAL A 50 -17.68 5.66 -10.57
C VAL A 50 -17.24 4.23 -10.54
N ARG A 51 -16.58 3.80 -11.61
CA ARG A 51 -16.11 2.44 -11.70
C ARG A 51 -14.64 2.46 -12.13
N TYR A 52 -13.87 1.52 -11.63
CA TYR A 52 -12.48 1.40 -12.05
C TYR A 52 -11.96 0.00 -11.81
N ALA A 53 -11.16 -0.50 -12.74
CA ALA A 53 -10.63 -1.86 -12.68
C ALA A 53 -9.17 -1.85 -12.33
N PRO A 54 -8.83 -2.19 -11.08
CA PRO A 54 -7.44 -2.10 -10.67
C PRO A 54 -6.51 -3.06 -11.40
N THR A 55 -5.24 -2.66 -11.56
CA THR A 55 -4.14 -3.53 -12.05
C THR A 55 -2.94 -3.55 -11.09
N GLU A 56 -3.09 -2.97 -9.90
CA GLU A 56 -2.03 -2.97 -8.90
C GLU A 56 -2.63 -3.26 -7.57
N VAL A 57 -1.80 -3.79 -6.67
CA VAL A 57 -2.21 -4.12 -5.31
C VAL A 57 -1.92 -2.99 -4.38
N GLY A 58 -2.88 -2.72 -3.50
CA GLY A 58 -2.64 -1.83 -2.39
C GLY A 58 -3.41 -0.53 -2.48
N LEU A 59 -2.92 0.43 -1.73
CA LEU A 59 -3.64 1.65 -1.42
C LEU A 59 -3.69 2.59 -2.63
N HIS A 60 -4.89 2.91 -3.11
CA HIS A 60 -5.09 3.76 -4.28
C HIS A 60 -5.81 5.01 -3.81
N GLU A 61 -5.62 6.12 -4.50
CA GLU A 61 -6.39 7.33 -4.22
C GLU A 61 -7.28 7.62 -5.42
N MET A 62 -8.58 7.82 -5.15
CA MET A 62 -9.57 8.26 -6.15
C MET A 62 -9.86 9.77 -5.98
N HIS A 63 -9.65 10.57 -7.00
CA HIS A 63 -9.98 12.02 -6.96
C HIS A 63 -11.14 12.21 -7.87
N ILE A 64 -12.19 12.86 -7.37
CA ILE A 64 -13.31 13.25 -8.22
C ILE A 64 -13.48 14.79 -8.18
N LYS A 65 -13.64 15.38 -9.34
CA LYS A 65 -13.74 16.83 -9.47
C LYS A 65 -14.90 17.18 -10.33
N TYR A 66 -15.39 18.38 -10.10
CA TYR A 66 -16.49 18.95 -10.85
C TYR A 66 -15.99 20.35 -11.19
N MET A 67 -16.00 20.70 -12.44
CA MET A 67 -15.46 21.97 -12.91
C MET A 67 -14.00 22.24 -12.42
N GLY A 68 -13.24 21.18 -12.20
CA GLY A 68 -11.83 21.33 -11.84
C GLY A 68 -11.56 21.29 -10.37
N SER A 69 -12.59 21.30 -9.56
CA SER A 69 -12.43 21.41 -8.13
C SER A 69 -12.99 20.16 -7.37
N HIS A 70 -12.26 19.64 -6.39
CA HIS A 70 -12.67 18.41 -5.63
C HIS A 70 -14.08 18.50 -5.09
N ILE A 71 -14.88 17.47 -5.35
CA ILE A 71 -16.16 17.37 -4.66
C ILE A 71 -15.91 17.16 -3.17
N PRO A 72 -16.95 17.35 -2.34
CA PRO A 72 -16.79 17.17 -0.87
C PRO A 72 -16.44 15.71 -0.52
N GLU A 73 -17.05 14.80 -1.28
CA GLU A 73 -16.76 13.36 -1.20
C GLU A 73 -15.33 12.93 -1.73
N SER A 74 -14.40 13.87 -1.94
CA SER A 74 -13.11 13.62 -2.62
C SER A 74 -11.99 14.37 -1.92
N PRO A 75 -10.78 13.80 -1.92
CA PRO A 75 -10.40 12.50 -2.43
C PRO A 75 -10.79 11.29 -1.51
N LEU A 76 -10.87 10.11 -2.09
CA LEU A 76 -11.18 8.84 -1.43
C LEU A 76 -10.01 7.87 -1.53
N GLN A 77 -9.89 6.98 -0.57
CA GLN A 77 -8.87 5.95 -0.53
C GLN A 77 -9.51 4.57 -0.64
N PHE A 78 -8.87 3.66 -1.33
CA PHE A 78 -9.32 2.32 -1.38
C PHE A 78 -8.16 1.34 -1.56
N TYR A 79 -8.37 0.16 -1.03
CA TYR A 79 -7.30 -0.79 -0.99
C TYR A 79 -7.65 -1.98 -1.84
N VAL A 80 -6.78 -2.31 -2.76
CA VAL A 80 -7.03 -3.39 -3.70
C VAL A 80 -6.24 -4.64 -3.29
N ASN A 81 -6.96 -5.68 -2.92
CA ASN A 81 -6.39 -6.94 -2.47
C ASN A 81 -5.79 -7.70 -3.62
N TYR A 82 -4.72 -8.46 -3.35
CA TYR A 82 -4.21 -9.47 -4.30
C TYR A 82 -5.22 -10.64 -4.37
N PRO A 83 -5.80 -10.93 -5.56
CA PRO A 83 -6.79 -12.03 -5.71
C PRO A 83 -6.31 -13.43 -5.21
N ASN A 84 -5.21 -13.95 -5.78
CA ASN A 84 -4.75 -15.33 -5.50
C ASN A 84 -4.39 -15.59 -4.01
N SER A 85 -4.34 -14.51 -3.22
CA SER A 85 -4.01 -14.57 -1.78
C SER A 85 -5.12 -15.22 -0.97
N GLY A 86 -4.80 -16.37 -0.39
CA GLY A 86 -5.57 -16.90 0.72
C GLY A 86 -5.36 -15.99 1.92
N SER A 87 -5.91 -16.38 3.06
CA SER A 87 -5.89 -15.53 4.25
C SER A 87 -6.74 -14.24 4.10
N VAL A 88 -6.81 -13.47 5.17
CA VAL A 88 -7.90 -12.52 5.40
C VAL A 88 -7.83 -11.26 4.55
N SER A 89 -9.01 -10.71 4.31
CA SER A 89 -9.20 -9.55 3.46
C SER A 89 -10.48 -8.89 3.85
N ALA A 90 -10.60 -7.63 3.44
CA ALA A 90 -11.82 -6.87 3.54
C ALA A 90 -12.00 -6.08 2.23
N TYR A 91 -13.22 -5.67 1.92
CA TYR A 91 -13.56 -4.93 0.72
C TYR A 91 -15.01 -4.54 0.76
N GLY A 92 -15.37 -3.53 -0.01
CA GLY A 92 -16.71 -2.98 -0.01
C GLY A 92 -16.74 -1.48 0.23
N PRO A 93 -17.84 -0.82 -0.22
CA PRO A 93 -18.05 0.63 -0.13
C PRO A 93 -17.96 1.21 1.29
N GLY A 94 -18.30 0.47 2.32
CA GLY A 94 -18.18 1.02 3.66
C GLY A 94 -16.75 1.23 4.16
N LEU A 95 -15.79 0.66 3.45
CA LEU A 95 -14.36 0.96 3.73
C LEU A 95 -13.87 2.29 3.14
N VAL A 96 -14.63 2.84 2.18
CA VAL A 96 -14.20 3.93 1.33
C VAL A 96 -15.04 5.18 1.58
N TYR A 97 -16.34 5.03 1.42
CA TYR A 97 -17.25 6.15 1.36
C TYR A 97 -18.61 5.80 1.85
N GLY A 98 -19.23 6.70 2.59
CA GLY A 98 -20.68 6.62 2.80
C GLY A 98 -21.33 7.95 3.14
N VAL A 99 -22.67 7.91 3.22
CA VAL A 99 -23.49 9.02 3.71
C VAL A 99 -23.78 8.89 5.21
N ALA A 100 -23.76 10.00 5.93
CA ALA A 100 -24.03 10.00 7.34
C ALA A 100 -25.49 9.67 7.57
N ASN A 101 -25.75 8.85 8.59
CA ASN A 101 -27.08 8.29 8.89
C ASN A 101 -27.74 7.38 7.85
N LYS A 102 -27.02 6.98 6.80
CA LYS A 102 -27.43 5.87 5.98
C LYS A 102 -26.49 4.74 6.38
N THR A 103 -26.76 3.52 5.93
CA THR A 103 -26.01 2.35 6.46
C THR A 103 -24.75 2.24 5.64
N ALA A 104 -23.65 1.82 6.26
CA ALA A 104 -22.41 1.59 5.51
C ALA A 104 -21.96 0.18 5.71
N THR A 105 -21.69 -0.51 4.61
CA THR A 105 -21.40 -1.92 4.67
C THR A 105 -20.11 -2.39 3.91
N PHE A 106 -19.39 -3.32 4.51
CA PHE A 106 -18.39 -4.04 3.78
C PHE A 106 -18.31 -5.50 4.21
N THR A 107 -17.50 -6.27 3.47
CA THR A 107 -17.32 -7.68 3.69
C THR A 107 -15.93 -8.02 4.17
N ILE A 108 -15.81 -8.96 5.10
CA ILE A 108 -14.53 -9.59 5.39
C ILE A 108 -14.54 -11.00 4.87
N VAL A 109 -13.48 -11.40 4.19
CA VAL A 109 -13.36 -12.75 3.68
C VAL A 109 -12.50 -13.52 4.66
N THR A 110 -12.94 -14.72 4.96
CA THR A 110 -12.30 -15.53 5.98
C THR A 110 -12.27 -17.03 5.64
N GLU A 111 -12.36 -17.36 4.34
CA GLU A 111 -12.24 -18.74 3.84
C GLU A 111 -11.03 -19.44 4.45
N ASP A 112 -10.08 -18.61 4.92
CA ASP A 112 -9.17 -18.98 5.99
C ASP A 112 -9.84 -18.76 7.36
N GLY A 117 -10.25 -15.56 15.78
CA GLY A 117 -9.58 -14.35 16.24
C GLY A 117 -9.69 -13.12 15.31
N LEU A 118 -10.85 -12.46 15.27
CA LEU A 118 -11.09 -11.30 14.45
C LEU A 118 -11.39 -10.12 15.34
N ASP A 119 -10.63 -9.03 15.22
CA ASP A 119 -10.86 -7.81 16.05
C ASP A 119 -11.24 -6.62 15.14
N LEU A 120 -12.40 -6.01 15.42
CA LEU A 120 -12.96 -4.90 14.68
C LEU A 120 -13.21 -3.70 15.53
N ALA A 121 -12.87 -2.52 15.00
CA ALA A 121 -13.28 -1.29 15.63
C ALA A 121 -13.51 -0.29 14.53
N ILE A 122 -14.48 0.56 14.77
CA ILE A 122 -14.78 1.67 13.93
C ILE A 122 -14.82 2.88 14.78
N GLU A 123 -13.97 3.86 14.49
CA GLU A 123 -13.95 5.11 15.29
C GLU A 123 -13.82 6.37 14.48
N GLY A 124 -14.84 7.21 14.57
CA GLY A 124 -14.79 8.56 13.96
C GLY A 124 -15.59 9.58 14.75
N PRO A 125 -16.08 10.63 14.07
CA PRO A 125 -17.02 11.58 14.68
C PRO A 125 -17.99 11.00 15.73
N SER A 126 -18.80 10.00 15.34
CA SER A 126 -19.79 9.42 16.26
C SER A 126 -19.52 7.97 16.59
N LYS A 127 -20.13 7.50 17.69
CA LYS A 127 -19.88 6.15 18.19
C LYS A 127 -20.57 5.15 17.31
N ALA A 128 -19.78 4.29 16.67
CA ALA A 128 -20.30 3.23 15.84
C ALA A 128 -19.83 1.93 16.46
N GLU A 129 -20.75 0.99 16.63
CA GLU A 129 -20.40 -0.31 17.18
C GLU A 129 -20.69 -1.41 16.19
N ILE A 130 -19.66 -1.76 15.43
CA ILE A 130 -19.70 -2.88 14.54
C ILE A 130 -20.11 -4.19 15.25
N SER A 131 -20.79 -5.06 14.52
CA SER A 131 -20.56 -6.52 14.66
C SER A 131 -20.84 -7.14 13.31
N CYS A 132 -20.10 -8.20 12.97
CA CYS A 132 -20.29 -8.87 11.69
C CYS A 132 -21.31 -10.02 11.79
N ILE A 133 -21.88 -10.40 10.66
CA ILE A 133 -22.85 -11.47 10.61
C ILE A 133 -22.34 -12.47 9.61
N ASP A 134 -22.12 -13.69 10.06
CA ASP A 134 -21.51 -14.73 9.22
C ASP A 134 -22.47 -15.15 8.11
N ASN A 135 -21.96 -15.15 6.88
CA ASN A 135 -22.76 -15.55 5.73
C ASN A 135 -22.71 -17.09 5.56
N LYS A 136 -21.81 -17.74 6.31
CA LYS A 136 -21.56 -19.20 6.26
C LYS A 136 -20.93 -19.64 4.93
N ASP A 137 -20.50 -18.67 4.14
CA ASP A 137 -19.92 -18.88 2.82
C ASP A 137 -18.44 -18.50 2.86
N GLY A 138 -17.83 -18.67 4.06
CA GLY A 138 -16.46 -18.18 4.36
C GLY A 138 -16.26 -16.66 4.33
N THR A 139 -17.36 -15.89 4.39
CA THR A 139 -17.31 -14.43 4.51
C THR A 139 -18.29 -13.96 5.57
N CYS A 140 -18.02 -12.79 6.19
CA CYS A 140 -19.04 -12.06 6.96
C CYS A 140 -19.19 -10.57 6.57
N THR A 141 -20.29 -9.96 7.00
CA THR A 141 -20.71 -8.64 6.53
C THR A 141 -20.82 -7.68 7.69
N VAL A 142 -20.01 -6.64 7.68
CA VAL A 142 -20.08 -5.61 8.70
C VAL A 142 -20.96 -4.54 8.16
N THR A 143 -21.79 -3.99 9.04
CA THR A 143 -22.62 -2.85 8.69
C THR A 143 -22.45 -1.87 9.83
N TYR A 144 -22.22 -0.60 9.53
CA TYR A 144 -22.19 0.39 10.61
C TYR A 144 -23.05 1.57 10.23
N LEU A 145 -23.38 2.34 11.25
CA LEU A 145 -24.16 3.54 11.09
C LEU A 145 -23.29 4.68 11.53
N PRO A 146 -22.67 5.38 10.57
CA PRO A 146 -21.98 6.61 10.91
C PRO A 146 -23.01 7.71 11.03
N THR A 147 -23.22 8.24 12.21
CA THR A 147 -24.32 9.18 12.37
C THR A 147 -23.88 10.60 12.00
N LEU A 148 -22.64 10.96 12.34
CA LEU A 148 -22.04 12.24 11.96
C LEU A 148 -21.02 12.14 10.82
N PRO A 149 -20.91 13.19 9.97
CA PRO A 149 -19.97 13.11 8.85
C PRO A 149 -18.56 13.36 9.28
N GLY A 150 -17.62 12.88 8.48
CA GLY A 150 -16.21 12.96 8.84
C GLY A 150 -15.42 11.82 8.26
N ASP A 151 -14.24 11.63 8.84
CA ASP A 151 -13.33 10.56 8.49
C ASP A 151 -13.38 9.46 9.59
N TYR A 152 -13.60 8.23 9.16
CA TYR A 152 -13.73 7.13 10.07
C TYR A 152 -12.59 6.18 9.80
N SER A 153 -11.93 5.78 10.88
CA SER A 153 -10.93 4.75 10.83
C SER A 153 -11.53 3.37 11.22
N ILE A 154 -11.30 2.38 10.38
CA ILE A 154 -11.83 1.07 10.57
C ILE A 154 -10.69 0.07 10.69
N LEU A 155 -10.55 -0.50 11.89
CA LEU A 155 -9.44 -1.34 12.27
C LEU A 155 -9.90 -2.79 12.18
N VAL A 156 -9.20 -3.62 11.42
CA VAL A 156 -9.52 -5.03 11.24
C VAL A 156 -8.28 -5.86 11.47
N LYS A 157 -8.27 -6.69 12.52
CA LYS A 157 -7.08 -7.54 12.80
C LYS A 157 -7.42 -9.01 12.87
N TYR A 158 -6.53 -9.88 12.40
CA TYR A 158 -6.82 -11.31 12.44
C TYR A 158 -6.06 -12.12 13.48
N ASN A 159 -4.88 -11.72 13.91
CA ASN A 159 -4.30 -12.47 15.05
C ASN A 159 -3.42 -11.58 15.89
N ASP A 160 -4.02 -10.59 16.51
CA ASP A 160 -3.27 -9.40 16.94
C ASP A 160 -2.53 -8.67 15.79
N LYS A 161 -2.88 -8.92 14.53
CA LYS A 161 -2.19 -8.35 13.37
C LYS A 161 -3.19 -7.69 12.42
N HIS A 162 -2.91 -6.45 12.04
CA HIS A 162 -3.62 -5.82 10.94
C HIS A 162 -3.64 -6.66 9.65
N ILE A 163 -4.82 -6.85 9.10
CA ILE A 163 -4.96 -7.47 7.80
C ILE A 163 -4.53 -6.40 6.76
N PRO A 164 -4.30 -6.79 5.49
CA PRO A 164 -3.98 -5.79 4.48
C PRO A 164 -5.00 -4.70 4.43
N GLY A 165 -4.50 -3.47 4.32
CA GLY A 165 -5.35 -2.26 4.33
C GLY A 165 -5.73 -1.70 5.70
N SER A 166 -5.58 -2.46 6.76
CA SER A 166 -6.07 -2.00 8.06
C SER A 166 -4.97 -1.16 8.69
N PRO A 167 -5.33 -0.09 9.40
CA PRO A 167 -6.66 0.56 9.48
C PRO A 167 -7.11 1.27 8.20
N PHE A 168 -8.39 1.14 7.82
CA PHE A 168 -8.90 1.75 6.63
C PHE A 168 -9.48 3.11 6.98
N THR A 169 -9.68 3.98 5.99
CA THR A 169 -10.31 5.28 6.29
C THR A 169 -11.40 5.45 5.25
N ALA A 170 -12.61 5.71 5.76
CA ALA A 170 -13.78 5.86 4.94
C ALA A 170 -14.23 7.26 5.17
N LYS A 171 -14.67 7.91 4.10
CA LYS A 171 -15.08 9.29 4.16
C LYS A 171 -16.59 9.31 4.21
N ILE A 172 -17.13 9.89 5.27
CA ILE A 172 -18.59 10.04 5.36
C ILE A 172 -18.99 11.51 5.20
N THR A 173 -19.79 11.81 4.18
CA THR A 173 -20.35 13.16 3.98
C THR A 173 -21.84 13.15 4.25
N ASP A 174 -22.56 14.20 3.86
CA ASP A 174 -24.02 14.10 3.54
C ASP A 174 -24.46 14.72 2.19
N ASP A 175 -23.52 15.29 1.42
CA ASP A 175 -23.78 15.74 0.03
C ASP A 175 -22.49 15.93 -0.78
N PHE B 8 5.45 -10.59 11.05
CA PHE B 8 5.99 -9.65 9.99
C PHE B 8 7.53 -9.70 9.83
N LYS B 9 7.98 -9.82 8.58
CA LYS B 9 9.42 -9.92 8.29
C LYS B 9 10.17 -8.63 8.72
N PRO B 10 11.20 -8.72 9.57
CA PRO B 10 11.93 -7.51 9.93
C PRO B 10 12.66 -6.87 8.78
N PHE B 11 12.69 -5.54 8.75
CA PHE B 11 13.61 -4.77 7.91
C PHE B 11 14.93 -4.79 8.65
N ASP B 12 15.98 -5.25 7.96
CA ASP B 12 17.36 -5.21 8.44
C ASP B 12 18.29 -4.86 7.27
N LEU B 13 19.03 -3.76 7.40
CA LEU B 13 19.82 -3.25 6.30
C LEU B 13 21.09 -2.61 6.84
N VAL B 14 22.18 -2.78 6.09
CA VAL B 14 23.47 -2.16 6.38
C VAL B 14 23.68 -1.11 5.32
N ILE B 15 23.89 0.13 5.77
CA ILE B 15 24.10 1.25 4.87
C ILE B 15 25.51 1.68 5.18
N PRO B 16 26.30 1.96 4.13
CA PRO B 16 27.66 2.46 4.30
C PRO B 16 27.64 3.95 4.40
N PHE B 17 27.42 4.41 5.62
CA PHE B 17 27.46 5.82 5.95
C PHE B 17 28.35 5.92 7.19
N ALA B 18 29.36 6.78 7.13
CA ALA B 18 30.29 6.97 8.25
C ALA B 18 29.84 8.09 9.19
N VAL B 19 29.35 7.69 10.36
CA VAL B 19 28.98 8.63 11.40
C VAL B 19 30.24 9.20 12.03
N ARG B 20 30.30 10.53 12.14
CA ARG B 20 31.39 11.25 12.79
C ARG B 20 30.84 12.06 13.97
N LYS B 21 30.89 13.38 13.86
CA LYS B 21 30.49 14.21 14.99
C LYS B 21 28.97 14.37 15.12
N GLY B 22 28.21 14.12 14.05
CA GLY B 22 26.76 14.29 14.06
C GLY B 22 25.92 13.07 14.46
N GLU B 23 24.62 13.28 14.70
CA GLU B 23 23.71 12.20 15.08
C GLU B 23 22.96 11.70 13.83
N ILE B 24 22.89 10.38 13.72
CA ILE B 24 22.12 9.70 12.67
C ILE B 24 20.77 9.35 13.28
N THR B 25 19.68 9.78 12.61
CA THR B 25 18.29 9.52 13.07
C THR B 25 17.47 8.96 11.93
N GLY B 26 16.31 8.44 12.26
CA GLY B 26 15.46 7.78 11.32
C GLY B 26 13.98 7.88 11.63
N GLU B 27 13.17 7.71 10.59
CA GLU B 27 11.76 7.67 10.73
C GLU B 27 11.21 6.70 9.67
N VAL B 28 10.30 5.85 10.11
CA VAL B 28 9.52 4.98 9.25
C VAL B 28 8.10 5.54 9.21
N HIS B 29 7.57 5.82 8.03
CA HIS B 29 6.18 6.08 7.83
C HIS B 29 5.44 4.86 7.32
N MET B 30 4.33 4.53 7.97
CA MET B 30 3.55 3.37 7.67
C MET B 30 2.43 3.80 6.81
N PRO B 31 1.79 2.86 6.13
CA PRO B 31 0.63 3.18 5.26
C PRO B 31 -0.51 3.92 5.96
N SER B 32 -0.74 3.65 7.23
CA SER B 32 -1.83 4.30 8.02
C SER B 32 -1.61 5.82 8.28
N GLY B 33 -0.36 6.27 8.17
CA GLY B 33 0.04 7.60 8.61
C GLY B 33 0.87 7.53 9.86
N LYS B 34 0.93 6.40 10.55
CA LYS B 34 1.72 6.39 11.76
C LYS B 34 3.18 6.44 11.39
N THR B 35 3.98 7.03 12.27
CA THR B 35 5.40 6.99 12.17
C THR B 35 5.99 6.26 13.35
N ALA B 36 7.18 5.68 13.14
CA ALA B 36 7.94 5.01 14.21
C ALA B 36 9.42 5.19 13.96
N THR B 37 10.23 4.95 14.98
CA THR B 37 11.67 5.16 14.90
C THR B 37 12.24 3.79 14.66
N PRO B 38 12.99 3.61 13.57
CA PRO B 38 13.73 2.37 13.43
C PRO B 38 14.86 2.37 14.45
N GLU B 39 15.51 1.23 14.63
CA GLU B 39 16.71 1.10 15.45
C GLU B 39 17.86 1.34 14.50
N ILE B 40 18.84 2.12 14.90
CA ILE B 40 19.99 2.40 14.06
C ILE B 40 21.23 2.19 14.93
N VAL B 41 22.12 1.33 14.49
CA VAL B 41 23.35 1.14 15.26
C VAL B 41 24.54 1.50 14.39
N ASP B 42 25.44 2.29 14.96
CA ASP B 42 26.68 2.69 14.35
C ASP B 42 27.64 1.54 14.59
N ASN B 43 27.97 0.81 13.53
CA ASN B 43 29.10 -0.11 13.57
C ASN B 43 30.26 0.83 13.36
N LYS B 44 31.18 0.94 14.31
CA LYS B 44 32.18 1.99 14.22
C LYS B 44 33.16 1.69 13.06
N ASP B 45 32.65 1.50 11.85
CA ASP B 45 33.45 0.88 10.75
C ASP B 45 33.12 1.37 9.34
N GLY B 46 32.69 2.64 9.24
CA GLY B 46 32.27 3.23 7.95
C GLY B 46 30.87 2.81 7.51
N THR B 47 30.09 2.23 8.43
CA THR B 47 28.75 1.78 8.14
C THR B 47 27.82 1.81 9.38
N VAL B 48 26.54 1.64 9.10
CA VAL B 48 25.50 1.70 10.08
C VAL B 48 24.51 0.60 9.72
N THR B 49 23.84 0.04 10.71
CA THR B 49 22.79 -0.95 10.48
C THR B 49 21.46 -0.42 10.96
N VAL B 50 20.43 -0.54 10.11
CA VAL B 50 19.08 -0.07 10.38
C VAL B 50 18.18 -1.28 10.50
N ARG B 51 17.48 -1.39 11.64
CA ARG B 51 16.56 -2.51 11.83
C ARG B 51 15.17 -1.99 12.20
N TYR B 52 14.14 -2.68 11.80
CA TYR B 52 12.75 -2.26 12.13
C TYR B 52 11.84 -3.45 12.00
N ALA B 53 10.84 -3.53 12.90
CA ALA B 53 9.86 -4.62 12.95
C ALA B 53 8.46 -4.14 12.54
N PRO B 54 8.02 -4.49 11.31
CA PRO B 54 6.75 -3.93 10.86
C PRO B 54 5.56 -4.48 11.59
N THR B 55 4.49 -3.66 11.66
CA THR B 55 3.19 -4.06 12.15
C THR B 55 2.01 -3.71 11.20
N GLU B 56 2.31 -3.28 9.97
CA GLU B 56 1.31 -3.05 8.97
C GLU B 56 1.77 -3.62 7.66
N VAL B 57 0.80 -3.87 6.81
CA VAL B 57 1.11 -4.41 5.52
C VAL B 57 1.23 -3.30 4.53
N GLY B 58 2.16 -3.46 3.60
CA GLY B 58 2.23 -2.57 2.46
C GLY B 58 3.45 -1.63 2.45
N LEU B 59 3.29 -0.57 1.68
CA LEU B 59 4.39 0.28 1.29
C LEU B 59 4.81 1.24 2.44
N HIS B 60 6.02 1.08 2.96
CA HIS B 60 6.52 1.88 4.06
C HIS B 60 7.63 2.76 3.47
N GLU B 61 7.86 3.92 4.07
CA GLU B 61 9.01 4.74 3.71
C GLU B 61 9.89 4.79 4.92
N MET B 62 11.18 4.70 4.70
CA MET B 62 12.20 4.83 5.74
C MET B 62 13.03 6.10 5.43
N HIS B 63 13.18 7.01 6.39
CA HIS B 63 13.94 8.26 6.23
C HIS B 63 15.10 8.16 7.16
N ILE B 64 16.29 8.48 6.67
CA ILE B 64 17.52 8.39 7.46
C ILE B 64 18.23 9.70 7.27
N LYS B 65 18.53 10.36 8.37
CA LYS B 65 19.06 11.71 8.36
C LYS B 65 20.32 11.74 9.20
N TYR B 66 21.20 12.66 8.85
CA TYR B 66 22.39 12.94 9.59
C TYR B 66 22.39 14.42 9.82
N MET B 67 22.49 14.84 11.07
CA MET B 67 22.37 16.26 11.42
C MET B 67 21.10 16.90 10.88
N GLY B 68 20.03 16.10 10.75
CA GLY B 68 18.72 16.59 10.35
C GLY B 68 18.43 16.55 8.86
N SER B 69 19.41 16.16 8.07
CA SER B 69 19.28 16.28 6.67
C SER B 69 19.45 14.88 6.01
N HIS B 70 18.63 14.59 5.00
CA HIS B 70 18.55 13.26 4.44
C HIS B 70 19.90 12.86 3.97
N ILE B 71 20.31 11.62 4.24
CA ILE B 71 21.50 11.08 3.66
C ILE B 71 21.21 10.79 2.17
N PRO B 72 22.26 10.59 1.35
CA PRO B 72 22.02 10.33 -0.08
C PRO B 72 21.18 9.05 -0.30
N GLU B 73 21.53 8.01 0.45
CA GLU B 73 20.76 6.79 0.52
C GLU B 73 19.31 6.96 1.11
N SER B 74 18.74 8.20 1.15
CA SER B 74 17.44 8.45 1.82
C SER B 74 16.59 9.43 1.06
N PRO B 75 15.26 9.24 1.04
CA PRO B 75 14.41 8.19 1.63
C PRO B 75 14.32 6.87 0.83
N LEU B 76 14.04 5.77 1.53
CA LEU B 76 13.95 4.45 0.94
C LEU B 76 12.55 3.95 1.03
N GLN B 77 12.16 3.10 0.09
CA GLN B 77 10.82 2.46 0.15
C GLN B 77 10.92 0.97 0.37
N PHE B 78 10.02 0.43 1.14
CA PHE B 78 10.00 -1.01 1.31
C PHE B 78 8.60 -1.55 1.52
N TYR B 79 8.38 -2.77 1.05
CA TYR B 79 7.04 -3.34 1.00
C TYR B 79 6.96 -4.46 1.99
N VAL B 80 6.02 -4.36 2.93
CA VAL B 80 5.87 -5.39 3.91
C VAL B 80 4.72 -6.36 3.53
N ASN B 81 5.07 -7.63 3.30
CA ASN B 81 4.06 -8.63 2.93
C ASN B 81 3.23 -9.10 4.11
N TYR B 82 1.97 -9.44 3.84
CA TYR B 82 1.15 -10.19 4.83
C TYR B 82 1.72 -11.62 5.01
N PRO B 83 2.18 -11.99 6.22
CA PRO B 83 2.65 -13.38 6.51
C PRO B 83 1.59 -14.48 6.22
N GLY B 86 1.39 -14.73 2.83
CA GLY B 86 0.36 -15.72 2.55
C GLY B 86 -0.07 -15.72 1.09
N SER B 87 0.93 -15.76 0.20
CA SER B 87 0.77 -15.90 -1.27
C SER B 87 2.10 -15.59 -2.00
N VAL B 88 2.09 -15.51 -3.35
CA VAL B 88 3.31 -15.06 -4.09
C VAL B 88 3.75 -13.65 -3.63
N SER B 89 5.06 -13.48 -3.54
CA SER B 89 5.67 -12.41 -2.77
C SER B 89 7.11 -12.24 -3.17
N ALA B 90 7.65 -11.07 -2.90
CA ALA B 90 9.06 -10.82 -2.97
C ALA B 90 9.50 -10.08 -1.68
N TYR B 91 10.79 -10.12 -1.38
CA TYR B 91 11.36 -9.45 -0.27
C TYR B 91 12.89 -9.61 -0.30
N GLY B 92 13.59 -8.71 0.36
CA GLY B 92 15.05 -8.71 0.38
C GLY B 92 15.58 -7.35 0.04
N PRO B 93 16.86 -7.12 0.40
CA PRO B 93 17.48 -5.82 0.33
C PRO B 93 17.61 -5.24 -1.07
N GLY B 94 17.54 -6.09 -2.08
CA GLY B 94 17.74 -5.65 -3.46
C GLY B 94 16.49 -4.97 -4.00
N LEU B 95 15.39 -5.13 -3.28
CA LEU B 95 14.18 -4.35 -3.59
C LEU B 95 14.19 -2.93 -3.04
N VAL B 96 15.13 -2.62 -2.15
CA VAL B 96 15.11 -1.43 -1.35
C VAL B 96 16.34 -0.57 -1.55
N TYR B 97 17.50 -1.17 -1.34
CA TYR B 97 18.73 -0.41 -1.37
C TYR B 97 19.92 -1.26 -1.79
N GLY B 98 20.83 -0.68 -2.57
CA GLY B 98 22.16 -1.27 -2.73
C GLY B 98 23.28 -0.31 -3.10
N VAL B 99 24.49 -0.86 -3.18
CA VAL B 99 25.64 -0.12 -3.69
C VAL B 99 25.88 -0.44 -5.17
N ALA B 100 26.23 0.60 -5.96
CA ALA B 100 26.56 0.46 -7.38
C ALA B 100 27.80 -0.40 -7.60
N ASN B 101 27.68 -1.37 -8.51
CA ASN B 101 28.71 -2.37 -8.81
C ASN B 101 28.98 -3.38 -7.71
N LYS B 102 28.15 -3.42 -6.70
CA LYS B 102 28.12 -4.57 -5.80
C LYS B 102 26.85 -5.27 -6.18
N THR B 103 26.73 -6.54 -5.81
CA THR B 103 25.60 -7.34 -6.23
C THR B 103 24.35 -7.02 -5.37
N ALA B 104 23.17 -7.01 -5.99
CA ALA B 104 21.94 -6.79 -5.24
C ALA B 104 21.01 -7.95 -5.36
N THR B 105 20.40 -8.37 -4.28
CA THR B 105 19.70 -9.60 -4.29
C THR B 105 18.36 -9.61 -3.52
N PHE B 106 17.37 -10.35 -4.02
CA PHE B 106 16.17 -10.55 -3.26
C PHE B 106 15.54 -11.89 -3.64
N THR B 107 14.49 -12.23 -2.93
CA THR B 107 13.83 -13.51 -3.00
C THR B 107 12.41 -13.39 -3.41
N ILE B 108 12.00 -14.16 -4.42
CA ILE B 108 10.58 -14.36 -4.68
C ILE B 108 10.06 -15.69 -4.12
N VAL B 109 8.95 -15.65 -3.40
CA VAL B 109 8.34 -16.82 -2.81
C VAL B 109 7.22 -17.30 -3.67
N THR B 110 7.25 -18.59 -3.99
CA THR B 110 6.35 -19.17 -5.00
C THR B 110 5.73 -20.51 -4.54
N GLY B 116 7.92 -20.09 -12.92
CA GLY B 116 7.16 -20.47 -14.13
C GLY B 116 6.49 -19.32 -14.89
N GLY B 117 5.28 -18.94 -14.44
CA GLY B 117 4.53 -17.82 -15.04
C GLY B 117 4.97 -16.46 -14.49
N LEU B 118 6.27 -16.19 -14.53
CA LEU B 118 6.87 -15.13 -13.77
C LEU B 118 7.57 -14.20 -14.73
N ASP B 119 7.27 -12.91 -14.66
CA ASP B 119 7.88 -11.92 -15.54
C ASP B 119 8.63 -10.93 -14.67
N LEU B 120 9.93 -10.82 -14.90
CA LEU B 120 10.76 -9.88 -14.18
C LEU B 120 11.35 -8.92 -15.15
N ALA B 121 11.56 -7.69 -14.69
CA ALA B 121 12.34 -6.70 -15.39
C ALA B 121 12.93 -5.77 -14.36
N ILE B 122 14.11 -5.28 -14.65
CA ILE B 122 14.81 -4.33 -13.81
C ILE B 122 15.30 -3.25 -14.70
N GLU B 123 14.77 -2.06 -14.57
CA GLU B 123 15.25 -0.95 -15.42
C GLU B 123 15.60 0.32 -14.66
N GLY B 124 16.80 0.82 -14.93
CA GLY B 124 17.24 2.09 -14.35
C GLY B 124 18.38 2.76 -15.12
N PRO B 125 19.26 3.48 -14.40
CA PRO B 125 20.47 4.03 -15.00
C PRO B 125 21.22 3.10 -15.99
N SER B 126 21.62 1.92 -15.53
CA SER B 126 22.35 0.96 -16.36
C SER B 126 21.58 -0.36 -16.61
N LYS B 127 21.96 -1.06 -17.69
CA LYS B 127 21.24 -2.26 -18.16
C LYS B 127 21.57 -3.42 -17.21
N ALA B 128 20.53 -3.92 -16.56
CA ALA B 128 20.66 -5.03 -15.67
C ALA B 128 19.84 -6.17 -16.27
N GLU B 129 20.42 -7.36 -16.31
CA GLU B 129 19.71 -8.53 -16.80
C GLU B 129 19.46 -9.47 -15.63
N ILE B 130 18.25 -9.40 -15.11
CA ILE B 130 17.71 -10.44 -14.26
C ILE B 130 17.90 -11.87 -14.77
N SER B 131 17.87 -12.78 -13.80
CA SER B 131 17.20 -14.07 -13.94
C SER B 131 17.16 -14.62 -12.51
N CYS B 132 16.14 -15.41 -12.17
CA CYS B 132 16.13 -16.06 -10.87
C CYS B 132 16.65 -17.52 -10.86
N ILE B 133 17.07 -17.98 -9.68
CA ILE B 133 17.58 -19.35 -9.51
C ILE B 133 16.79 -20.06 -8.40
N ASP B 134 16.20 -21.20 -8.74
CA ASP B 134 15.26 -21.90 -7.85
C ASP B 134 15.97 -22.49 -6.61
N ASN B 135 15.22 -22.60 -5.50
CA ASN B 135 15.71 -23.09 -4.19
C ASN B 135 14.64 -23.97 -3.47
N LYS B 136 13.96 -23.37 -2.47
CA LYS B 136 13.15 -24.11 -1.49
C LYS B 136 11.79 -24.53 -2.05
N THR B 139 10.37 -20.83 -3.36
CA THR B 139 11.22 -19.63 -3.52
C THR B 139 12.33 -19.73 -4.57
N CYS B 140 12.64 -18.59 -5.20
CA CYS B 140 13.88 -18.39 -5.95
C CYS B 140 14.55 -17.06 -5.56
N THR B 141 15.73 -16.82 -6.13
CA THR B 141 16.55 -15.72 -5.74
C THR B 141 16.99 -14.95 -6.94
N VAL B 142 16.71 -13.64 -6.95
CA VAL B 142 17.15 -12.82 -8.06
C VAL B 142 18.36 -12.09 -7.56
N THR B 143 19.32 -11.90 -8.45
CA THR B 143 20.51 -11.17 -8.15
C THR B 143 20.76 -10.32 -9.37
N TYR B 144 20.97 -9.01 -9.20
CA TYR B 144 21.34 -8.14 -10.34
C TYR B 144 22.54 -7.33 -9.94
N LEU B 145 23.18 -6.75 -10.95
CA LEU B 145 24.30 -5.86 -10.78
C LEU B 145 23.91 -4.52 -11.33
N PRO B 146 23.61 -3.54 -10.44
CA PRO B 146 23.34 -2.18 -10.84
C PRO B 146 24.65 -1.50 -10.95
N THR B 147 25.12 -1.24 -12.16
CA THR B 147 26.48 -0.77 -12.36
C THR B 147 26.54 0.70 -12.02
N LEU B 148 25.57 1.47 -12.51
CA LEU B 148 25.48 2.90 -12.18
C LEU B 148 24.48 3.20 -11.04
N PRO B 149 24.81 4.18 -10.16
CA PRO B 149 23.87 4.57 -9.10
C PRO B 149 22.67 5.41 -9.58
N GLY B 150 21.57 5.36 -8.82
CA GLY B 150 20.30 5.99 -9.20
C GLY B 150 19.15 5.24 -8.63
N ASP B 151 17.98 5.38 -9.26
CA ASP B 151 16.77 4.65 -8.90
C ASP B 151 16.44 3.55 -9.88
N TYR B 152 16.14 2.36 -9.35
CA TYR B 152 15.86 1.22 -10.18
C TYR B 152 14.43 0.78 -9.92
N SER B 153 13.68 0.58 -11.00
CA SER B 153 12.36 -0.01 -10.92
C SER B 153 12.46 -1.52 -11.20
N ILE B 154 11.82 -2.32 -10.37
CA ILE B 154 11.91 -3.74 -10.49
C ILE B 154 10.51 -4.23 -10.61
N LEU B 155 10.17 -4.82 -11.75
CA LEU B 155 8.82 -5.17 -12.08
C LEU B 155 8.74 -6.69 -11.91
N VAL B 156 7.77 -7.17 -11.16
CA VAL B 156 7.57 -8.59 -10.91
C VAL B 156 6.12 -8.91 -11.10
N LYS B 157 5.84 -9.78 -12.07
CA LYS B 157 4.47 -10.21 -12.34
C LYS B 157 4.29 -11.71 -12.33
N TYR B 158 3.18 -12.16 -11.77
CA TYR B 158 2.79 -13.55 -11.83
C TYR B 158 1.49 -13.65 -12.63
N ASN B 159 1.52 -14.40 -13.73
CA ASN B 159 0.34 -14.57 -14.61
C ASN B 159 -0.19 -13.26 -15.17
N ASP B 160 0.74 -12.44 -15.68
CA ASP B 160 0.44 -11.09 -16.20
C ASP B 160 -0.14 -10.06 -15.19
N LYS B 161 -0.05 -10.35 -13.89
CA LYS B 161 -0.51 -9.43 -12.84
C LYS B 161 0.60 -9.07 -11.85
N HIS B 162 0.78 -7.77 -11.62
CA HIS B 162 1.74 -7.30 -10.63
C HIS B 162 1.51 -8.01 -9.30
N ILE B 163 2.58 -8.55 -8.74
CA ILE B 163 2.47 -9.13 -7.40
C ILE B 163 2.48 -7.94 -6.40
N PRO B 164 2.14 -8.18 -5.13
CA PRO B 164 2.17 -7.10 -4.12
C PRO B 164 3.49 -6.34 -4.07
N GLY B 165 3.41 -5.03 -4.15
CA GLY B 165 4.59 -4.21 -4.20
C GLY B 165 5.19 -3.91 -5.55
N SER B 166 4.80 -4.62 -6.59
CA SER B 166 5.40 -4.39 -7.90
C SER B 166 4.63 -3.26 -8.56
N PRO B 167 5.31 -2.39 -9.36
CA PRO B 167 6.80 -2.29 -9.51
C PRO B 167 7.42 -1.71 -8.25
N PHE B 168 8.63 -2.15 -7.88
CA PHE B 168 9.35 -1.73 -6.67
C PHE B 168 10.38 -0.73 -7.09
N THR B 169 10.89 0.02 -6.12
CA THR B 169 11.91 1.02 -6.36
C THR B 169 13.05 0.78 -5.43
N ALA B 170 14.25 0.61 -5.99
CA ALA B 170 15.43 0.36 -5.19
C ALA B 170 16.37 1.52 -5.46
N LYS B 171 17.00 2.00 -4.41
CA LYS B 171 17.84 3.12 -4.52
C LYS B 171 19.26 2.54 -4.48
N ILE B 172 20.00 2.79 -5.53
CA ILE B 172 21.41 2.40 -5.54
C ILE B 172 22.26 3.64 -5.44
N THR B 173 23.16 3.67 -4.47
CA THR B 173 24.19 4.73 -4.38
C THR B 173 25.62 4.17 -4.52
N ASP B 174 26.62 5.00 -4.25
CA ASP B 174 27.96 4.54 -3.81
C ASP B 174 28.51 5.48 -2.75
#